data_3NKD
#
_entry.id   3NKD
#
_cell.length_a   78.674
_cell.length_b   79.300
_cell.length_c   101.562
_cell.angle_alpha   90.00
_cell.angle_beta   90.00
_cell.angle_gamma   90.00
#
_symmetry.space_group_name_H-M   'P 21 21 21'
#
loop_
_entity.id
_entity.type
_entity.pdbx_description
1 polymer 'CRISPR-associated protein Cas1'
2 water water
#
_entity_poly.entity_id   1
_entity_poly.type   'polypeptide(L)'
_entity_poly.pdbx_seq_one_letter_code
;MTWLPLNPIPLKDRVSMIFLQYGQIDVIDGAFVLIDKTGIRTHIPVGSVACIMLEPGTRVSHAAVRLAAQVGTLLVWVGE
AGVRVYASGQPGGARSDKLLYQAKLALDEDLRLKVVRKMFELRFGEPAPARRSVEQLRGIEGSRVRATYALLAKQYGVTW
NGRRYDPKDWEKGDTINQCISAATSCLYGVTEAAILAAGYAPAIGFVHTGKPLSFVYDIADIIKFDTVVPKAFEIARRNP
GEPDREVRLACRDIFRSSKTLAKLIPLIEDVLAAGEIQPPAPPEDAQPVAIPLPVSLGDAGHRSS
;
_entity_poly.pdbx_strand_id   A,B
#
# COMPACT_ATOMS: atom_id res chain seq x y z
N ASP A 13 -17.06 2.39 6.88
CA ASP A 13 -18.25 2.49 5.99
C ASP A 13 -18.29 1.26 5.06
N ARG A 14 -17.55 1.35 3.95
CA ARG A 14 -17.43 0.23 3.03
C ARG A 14 -16.62 -0.85 3.72
N VAL A 15 -17.21 -2.04 3.84
CA VAL A 15 -16.54 -3.23 4.37
C VAL A 15 -16.41 -4.45 3.43
N SER A 16 -17.20 -4.52 2.37
CA SER A 16 -17.17 -5.64 1.47
C SER A 16 -15.80 -5.77 0.77
N MET A 17 -15.38 -7.00 0.55
CA MET A 17 -14.21 -7.34 -0.25
C MET A 17 -14.73 -8.39 -1.25
N ILE A 18 -14.28 -8.32 -2.50
CA ILE A 18 -14.69 -9.30 -3.54
C ILE A 18 -13.43 -9.82 -4.24
N PHE A 19 -13.48 -11.00 -4.80
CA PHE A 19 -12.36 -11.50 -5.62
C PHE A 19 -12.76 -11.36 -7.11
N LEU A 20 -11.78 -11.24 -8.02
CA LEU A 20 -12.06 -11.26 -9.46
C LEU A 20 -10.97 -12.13 -10.02
N GLN A 21 -11.33 -13.04 -10.92
CA GLN A 21 -10.35 -13.93 -11.53
C GLN A 21 -10.61 -14.15 -13.03
N TYR A 22 -9.57 -14.57 -13.75
CA TYR A 22 -9.66 -14.98 -15.15
C TYR A 22 -10.63 -14.11 -15.97
N GLY A 23 -10.20 -12.89 -16.25
CA GLY A 23 -11.01 -11.97 -16.98
C GLY A 23 -10.39 -10.61 -17.17
N GLN A 24 -11.06 -9.76 -17.94
CA GLN A 24 -10.57 -8.43 -18.23
C GLN A 24 -11.43 -7.49 -17.46
N ILE A 25 -10.84 -6.50 -16.85
CA ILE A 25 -11.55 -5.47 -16.12
C ILE A 25 -11.35 -4.16 -16.84
N ASP A 26 -12.45 -3.45 -17.10
CA ASP A 26 -12.41 -2.28 -17.92
C ASP A 26 -13.70 -1.47 -17.74
N VAL A 27 -13.71 -0.30 -18.31
CA VAL A 27 -14.88 0.60 -18.29
C VAL A 27 -15.28 0.67 -19.73
N ILE A 28 -16.39 0.04 -20.03
CA ILE A 28 -16.95 -0.06 -21.34
C ILE A 28 -18.38 0.49 -21.29
N ASP A 29 -18.57 1.50 -22.12
CA ASP A 29 -19.87 2.11 -22.26
C ASP A 29 -20.25 2.71 -20.93
N GLY A 30 -19.26 3.24 -20.23
CA GLY A 30 -19.47 3.90 -18.93
C GLY A 30 -19.45 3.00 -17.67
N ALA A 31 -19.54 1.68 -17.83
CA ALA A 31 -19.77 0.75 -16.75
C ALA A 31 -18.48 0.01 -16.44
N PHE A 32 -18.18 -0.18 -15.15
CA PHE A 32 -17.00 -0.89 -14.66
C PHE A 32 -17.42 -2.36 -14.61
N VAL A 33 -16.78 -3.17 -15.48
CA VAL A 33 -17.22 -4.50 -15.76
C VAL A 33 -16.08 -5.51 -15.81
N LEU A 34 -16.42 -6.77 -15.53
CA LEU A 34 -15.54 -7.92 -15.74
C LEU A 34 -16.11 -8.67 -16.95
N ILE A 35 -15.24 -9.02 -17.89
CA ILE A 35 -15.54 -9.88 -19.03
C ILE A 35 -14.76 -11.14 -18.74
N ASP A 36 -15.49 -12.22 -18.43
CA ASP A 36 -14.90 -13.42 -17.84
C ASP A 36 -14.46 -14.39 -18.93
N LYS A 37 -13.94 -15.55 -18.51
CA LYS A 37 -13.24 -16.49 -19.42
C LYS A 37 -14.15 -17.04 -20.53
N THR A 38 -15.46 -16.88 -20.29
CA THR A 38 -16.54 -17.34 -21.13
C THR A 38 -17.02 -16.24 -22.13
N GLY A 39 -16.81 -14.96 -21.78
CA GLY A 39 -17.26 -13.79 -22.57
C GLY A 39 -18.46 -13.07 -21.95
N ILE A 40 -18.89 -13.51 -20.76
CA ILE A 40 -20.02 -12.84 -20.07
C ILE A 40 -19.54 -11.55 -19.38
N ARG A 41 -20.37 -10.51 -19.41
CA ARG A 41 -19.99 -9.22 -18.93
C ARG A 41 -20.77 -9.00 -17.63
N THR A 42 -20.06 -8.76 -16.51
CA THR A 42 -20.73 -8.51 -15.26
C THR A 42 -20.29 -7.13 -14.68
N HIS A 43 -21.26 -6.39 -14.14
CA HIS A 43 -21.02 -5.10 -13.51
C HIS A 43 -20.45 -5.29 -12.14
N ILE A 44 -19.35 -4.63 -11.81
CA ILE A 44 -18.70 -4.78 -10.54
C ILE A 44 -18.91 -3.48 -9.82
N PRO A 45 -19.56 -3.52 -8.61
CA PRO A 45 -19.91 -2.27 -7.90
C PRO A 45 -18.73 -1.64 -7.16
N VAL A 46 -17.76 -1.11 -7.91
CA VAL A 46 -16.43 -0.81 -7.38
C VAL A 46 -16.47 0.21 -6.23
N GLY A 47 -17.31 1.22 -6.37
CA GLY A 47 -17.47 2.27 -5.35
C GLY A 47 -18.13 1.82 -4.09
N SER A 48 -18.67 0.60 -4.11
CA SER A 48 -19.42 0.07 -2.98
C SER A 48 -18.71 -0.97 -2.16
N VAL A 49 -17.49 -1.32 -2.56
CA VAL A 49 -16.64 -2.25 -1.81
C VAL A 49 -15.36 -1.53 -1.34
N ALA A 50 -14.68 -2.10 -0.32
CA ALA A 50 -13.44 -1.52 0.21
C ALA A 50 -12.26 -2.03 -0.57
N CYS A 51 -12.40 -3.21 -1.12
CA CYS A 51 -11.24 -3.87 -1.77
C CYS A 51 -11.67 -4.85 -2.83
N ILE A 52 -10.93 -4.89 -3.95
CA ILE A 52 -11.08 -5.91 -4.99
C ILE A 52 -9.78 -6.67 -4.97
N MET A 53 -9.82 -7.98 -4.77
CA MET A 53 -8.61 -8.85 -4.76
C MET A 53 -8.60 -9.48 -6.13
N LEU A 54 -7.57 -9.16 -6.91
CA LEU A 54 -7.38 -9.60 -8.25
C LEU A 54 -6.54 -10.85 -8.28
N GLU A 55 -7.17 -11.97 -8.71
CA GLU A 55 -6.52 -13.30 -8.70
C GLU A 55 -5.80 -13.50 -10.03
N PRO A 56 -5.02 -14.60 -10.19
CA PRO A 56 -4.35 -14.77 -11.47
C PRO A 56 -5.24 -14.77 -12.75
N GLY A 57 -4.65 -14.32 -13.83
CA GLY A 57 -5.36 -14.20 -15.06
C GLY A 57 -6.26 -13.00 -15.18
N THR A 58 -6.12 -12.00 -14.31
CA THR A 58 -6.80 -10.74 -14.48
C THR A 58 -5.94 -9.71 -15.26
N ARG A 59 -6.60 -8.91 -16.07
CA ARG A 59 -6.00 -7.82 -16.84
C ARG A 59 -6.83 -6.59 -16.54
N VAL A 60 -6.19 -5.50 -16.13
CA VAL A 60 -6.88 -4.26 -15.75
C VAL A 60 -6.46 -3.15 -16.67
N SER A 61 -7.46 -2.46 -17.17
CA SER A 61 -7.22 -1.33 -18.05
C SER A 61 -6.86 -0.13 -17.23
N HIS A 62 -6.18 0.83 -17.88
CA HIS A 62 -5.84 2.10 -17.23
C HIS A 62 -7.13 2.80 -16.77
N ALA A 63 -8.18 2.73 -17.52
CA ALA A 63 -9.42 3.43 -17.12
C ALA A 63 -10.11 2.76 -15.92
N ALA A 64 -10.02 1.44 -15.81
CA ALA A 64 -10.53 0.73 -14.64
C ALA A 64 -9.79 1.15 -13.36
N VAL A 65 -8.45 1.11 -13.38
CA VAL A 65 -7.60 1.61 -12.28
C VAL A 65 -7.99 3.04 -11.86
N ARG A 66 -8.21 3.91 -12.86
CA ARG A 66 -8.48 5.31 -12.61
C ARG A 66 -9.83 5.47 -11.90
N LEU A 67 -10.81 4.70 -12.32
CA LEU A 67 -12.13 4.74 -11.67
C LEU A 67 -11.99 4.17 -10.23
N ALA A 68 -11.23 3.07 -10.05
CA ALA A 68 -11.15 2.50 -8.72
C ALA A 68 -10.51 3.50 -7.76
N ALA A 69 -9.44 4.18 -8.25
CA ALA A 69 -8.74 5.18 -7.45
C ALA A 69 -9.64 6.37 -7.16
N GLN A 70 -10.42 6.82 -8.13
CA GLN A 70 -11.40 7.88 -7.87
C GLN A 70 -12.38 7.58 -6.74
N VAL A 71 -12.84 6.33 -6.62
CA VAL A 71 -13.86 6.01 -5.64
C VAL A 71 -13.20 5.47 -4.36
N GLY A 72 -11.86 5.43 -4.33
CA GLY A 72 -11.10 5.07 -3.14
C GLY A 72 -11.10 3.57 -2.79
N THR A 73 -11.26 2.70 -3.80
CA THR A 73 -11.29 1.29 -3.56
C THR A 73 -9.89 0.76 -3.78
N LEU A 74 -9.42 -0.10 -2.90
CA LEU A 74 -8.05 -0.67 -3.00
C LEU A 74 -8.01 -1.76 -3.96
N LEU A 75 -6.93 -1.87 -4.73
CA LEU A 75 -6.71 -3.04 -5.56
C LEU A 75 -5.53 -3.77 -4.94
N VAL A 76 -5.74 -5.07 -4.71
CA VAL A 76 -4.73 -5.99 -4.27
C VAL A 76 -4.54 -7.17 -5.22
N TRP A 77 -3.32 -7.52 -5.55
CA TRP A 77 -3.06 -8.63 -6.42
C TRP A 77 -2.69 -9.86 -5.60
N VAL A 78 -3.45 -10.94 -5.75
CA VAL A 78 -3.28 -12.10 -4.87
C VAL A 78 -3.16 -13.40 -5.63
N GLY A 79 -2.72 -14.43 -4.93
CA GLY A 79 -2.81 -15.78 -5.41
C GLY A 79 -4.23 -16.28 -5.41
N GLU A 80 -4.40 -17.46 -5.97
CA GLU A 80 -5.69 -18.13 -6.05
C GLU A 80 -6.40 -18.19 -4.68
N ALA A 81 -7.62 -17.71 -4.65
CA ALA A 81 -8.44 -17.68 -3.48
C ALA A 81 -7.87 -16.93 -2.27
N GLY A 82 -6.88 -16.09 -2.51
CA GLY A 82 -6.29 -15.33 -1.45
C GLY A 82 -5.08 -15.93 -0.79
N VAL A 83 -4.45 -16.94 -1.37
CA VAL A 83 -3.34 -17.57 -0.69
C VAL A 83 -2.28 -16.62 -0.25
N ARG A 84 -1.98 -15.65 -1.06
CA ARG A 84 -1.01 -14.68 -0.72
C ARG A 84 -1.17 -13.42 -1.46
N VAL A 85 -0.55 -12.39 -0.96
CA VAL A 85 -0.60 -11.06 -1.56
C VAL A 85 0.69 -10.79 -2.28
N TYR A 86 0.58 -10.37 -3.55
CA TYR A 86 1.82 -10.13 -4.35
C TYR A 86 2.03 -8.64 -4.48
N ALA A 87 0.96 -7.80 -4.45
CA ALA A 87 1.21 -6.42 -4.61
C ALA A 87 -0.02 -5.74 -4.15
N SER A 88 0.10 -4.48 -3.83
CA SER A 88 -1.05 -3.71 -3.42
C SER A 88 -0.97 -2.32 -3.96
N GLY A 89 -2.13 -1.75 -4.19
CA GLY A 89 -2.24 -0.37 -4.48
C GLY A 89 -1.87 0.53 -3.34
N GLN A 90 -1.55 1.77 -3.71
CA GLN A 90 -1.22 2.85 -2.75
C GLN A 90 -0.30 2.34 -1.70
N PRO A 91 0.91 1.97 -2.11
CA PRO A 91 1.72 1.24 -1.17
C PRO A 91 2.14 1.99 0.09
N GLY A 92 2.18 1.26 1.21
CA GLY A 92 2.36 1.83 2.54
C GLY A 92 1.07 2.37 3.15
N GLY A 93 0.02 2.51 2.35
CA GLY A 93 -1.30 2.95 2.83
C GLY A 93 -1.65 4.32 2.32
N ALA A 94 -2.92 4.52 1.95
CA ALA A 94 -3.36 5.79 1.37
C ALA A 94 -3.55 6.89 2.43
N ARG A 95 -3.91 6.47 3.65
CA ARG A 95 -4.28 7.40 4.71
C ARG A 95 -3.37 7.43 5.95
N SER A 96 -2.77 8.59 6.18
CA SER A 96 -1.98 8.79 7.39
C SER A 96 -2.77 8.74 8.69
N ASP A 97 -4.04 9.14 8.70
CA ASP A 97 -4.76 9.07 9.99
C ASP A 97 -4.93 7.61 10.51
N LYS A 98 -5.23 6.69 9.59
CA LYS A 98 -5.28 5.30 9.92
C LYS A 98 -3.89 4.83 10.36
N LEU A 99 -2.85 5.18 9.62
CA LEU A 99 -1.54 4.57 9.92
C LEU A 99 -1.01 5.10 11.28
N LEU A 100 -1.30 6.36 11.57
CA LEU A 100 -0.87 7.00 12.81
C LEU A 100 -1.73 6.61 14.02
N TYR A 101 -2.98 6.20 13.77
CA TYR A 101 -3.82 5.60 14.81
C TYR A 101 -3.26 4.27 15.22
N GLN A 102 -3.05 3.42 14.25
CA GLN A 102 -2.41 2.14 14.57
C GLN A 102 -1.11 2.36 15.34
N ALA A 103 -0.25 3.27 14.90
CA ALA A 103 1.10 3.41 15.49
C ALA A 103 1.03 3.91 16.91
N LYS A 104 0.12 4.85 17.15
CA LYS A 104 -0.11 5.41 18.45
C LYS A 104 -0.44 4.29 19.41
N LEU A 105 -1.31 3.38 18.97
CA LEU A 105 -1.79 2.31 19.82
C LEU A 105 -0.67 1.32 20.05
N ALA A 106 0.15 1.08 19.04
CA ALA A 106 1.20 0.10 19.18
C ALA A 106 2.32 0.59 20.08
N LEU A 107 2.55 1.90 20.12
CA LEU A 107 3.72 2.47 20.77
C LEU A 107 3.52 2.67 22.27
N ASP A 108 2.30 2.93 22.68
CA ASP A 108 1.97 3.14 24.08
C ASP A 108 1.68 1.80 24.78
N GLU A 109 2.46 1.45 25.80
CA GLU A 109 2.28 0.14 26.46
C GLU A 109 0.89 -0.05 27.06
N ASP A 110 0.31 1.01 27.58
CA ASP A 110 -1.01 0.90 28.17
C ASP A 110 -2.07 0.57 27.10
N LEU A 111 -2.02 1.30 25.99
CA LEU A 111 -2.90 1.05 24.85
C LEU A 111 -2.65 -0.26 24.19
N ARG A 112 -1.39 -0.63 23.99
CA ARG A 112 -1.12 -1.94 23.47
C ARG A 112 -1.75 -3.08 24.27
N LEU A 113 -1.58 -3.09 25.60
CA LEU A 113 -2.20 -4.12 26.41
C LEU A 113 -3.73 -4.12 26.30
N LYS A 114 -4.36 -2.97 26.21
CA LYS A 114 -5.80 -2.98 26.07
C LYS A 114 -6.24 -3.64 24.76
N VAL A 115 -5.51 -3.36 23.70
CA VAL A 115 -5.79 -3.95 22.40
C VAL A 115 -5.62 -5.49 22.51
N VAL A 116 -4.57 -5.93 23.19
CA VAL A 116 -4.29 -7.36 23.27
C VAL A 116 -5.37 -8.06 24.12
N ARG A 117 -5.74 -7.42 25.20
CA ARG A 117 -6.87 -7.97 25.96
C ARG A 117 -8.15 -8.09 25.13
N LYS A 118 -8.37 -7.16 24.20
CA LYS A 118 -9.55 -7.24 23.30
C LYS A 118 -9.38 -8.39 22.32
N MET A 119 -8.18 -8.58 21.82
CA MET A 119 -7.87 -9.73 21.05
C MET A 119 -8.21 -11.03 21.77
N PHE A 120 -7.82 -11.14 23.02
CA PHE A 120 -8.14 -12.30 23.84
C PHE A 120 -9.64 -12.55 23.93
N GLU A 121 -10.38 -11.52 24.29
CA GLU A 121 -11.82 -11.64 24.43
C GLU A 121 -12.53 -12.07 23.15
N LEU A 122 -12.05 -11.60 21.99
CA LEU A 122 -12.69 -11.96 20.72
C LEU A 122 -12.36 -13.40 20.35
N ARG A 123 -11.19 -13.85 20.75
CA ARG A 123 -10.76 -15.20 20.54
C ARG A 123 -11.49 -16.23 21.45
N PHE A 124 -11.71 -15.88 22.72
CA PHE A 124 -12.26 -16.83 23.72
C PHE A 124 -13.66 -16.58 24.23
N GLY A 125 -14.29 -15.50 23.80
CA GLY A 125 -15.65 -15.18 24.20
C GLY A 125 -15.80 -14.72 25.65
N GLU A 126 -14.68 -14.41 26.33
CA GLU A 126 -14.70 -13.98 27.75
C GLU A 126 -13.40 -13.20 28.09
N PRO A 127 -13.46 -12.30 29.06
CA PRO A 127 -12.28 -11.55 29.48
C PRO A 127 -11.12 -12.46 29.90
N ALA A 128 -9.90 -12.05 29.60
CA ALA A 128 -8.74 -12.76 30.13
C ALA A 128 -8.60 -12.47 31.62
N PRO A 129 -7.78 -13.27 32.31
CA PRO A 129 -7.49 -12.99 33.72
C PRO A 129 -6.87 -11.61 33.89
N ALA A 130 -7.18 -10.97 35.02
CA ALA A 130 -6.97 -9.55 35.30
C ALA A 130 -5.55 -8.96 35.27
N ARG A 131 -4.52 -9.69 35.64
CA ARG A 131 -3.22 -8.96 35.72
C ARG A 131 -2.12 -9.67 35.01
N ARG A 132 -2.12 -9.49 33.71
CA ARG A 132 -1.34 -10.33 32.86
C ARG A 132 -0.68 -9.51 31.76
N SER A 133 0.61 -9.75 31.54
CA SER A 133 1.33 -9.05 30.51
C SER A 133 0.90 -9.60 29.20
N VAL A 134 1.34 -8.93 28.13
CA VAL A 134 1.12 -9.45 26.80
C VAL A 134 1.70 -10.85 26.66
N GLU A 135 2.93 -11.08 27.14
CA GLU A 135 3.53 -12.42 27.05
C GLU A 135 2.75 -13.53 27.82
N GLN A 136 2.21 -13.20 28.98
CA GLN A 136 1.41 -14.16 29.74
C GLN A 136 0.11 -14.46 28.99
N LEU A 137 -0.49 -13.45 28.39
CA LEU A 137 -1.75 -13.67 27.69
C LEU A 137 -1.54 -14.62 26.49
N ARG A 138 -0.34 -14.57 25.95
CA ARG A 138 0.01 -15.39 24.80
C ARG A 138 0.20 -16.83 25.25
N GLY A 139 0.81 -17.02 26.42
CA GLY A 139 0.94 -18.36 27.03
C GLY A 139 -0.42 -18.98 27.36
N ILE A 140 -1.33 -18.20 27.93
CA ILE A 140 -2.69 -18.66 28.18
C ILE A 140 -3.41 -19.03 26.89
N GLU A 141 -3.40 -18.14 25.90
CA GLU A 141 -4.02 -18.41 24.60
C GLU A 141 -3.55 -19.76 24.08
N GLY A 142 -2.24 -19.98 24.10
CA GLY A 142 -1.69 -21.29 23.77
C GLY A 142 -2.24 -22.38 24.66
N SER A 143 -2.36 -22.13 25.96
CA SER A 143 -2.96 -23.15 26.89
C SER A 143 -4.33 -23.72 26.54
N ARG A 144 -5.13 -22.94 25.80
CA ARG A 144 -6.54 -23.24 25.58
C ARG A 144 -6.94 -23.73 24.21
N VAL A 145 -5.98 -23.94 23.34
CA VAL A 145 -6.23 -24.25 21.93
C VAL A 145 -6.85 -25.64 21.79
N ARG A 146 -6.38 -26.59 22.58
CA ARG A 146 -6.94 -27.92 22.56
C ARG A 146 -8.43 -27.88 22.89
N ALA A 147 -8.77 -27.09 23.89
CA ALA A 147 -10.15 -27.01 24.32
C ALA A 147 -11.06 -26.49 23.21
N THR A 148 -10.65 -25.41 22.51
CA THR A 148 -11.43 -24.79 21.45
C THR A 148 -11.79 -25.77 20.34
N TYR A 149 -10.84 -26.54 19.86
CA TYR A 149 -11.11 -27.60 18.89
C TYR A 149 -12.16 -28.62 19.37
N ALA A 150 -12.02 -29.03 20.65
CA ALA A 150 -12.85 -30.01 21.24
C ALA A 150 -14.26 -29.43 21.34
N LEU A 151 -14.38 -28.17 21.73
CA LEU A 151 -15.71 -27.54 21.89
C LEU A 151 -16.43 -27.43 20.52
N LEU A 152 -15.71 -27.02 19.47
CA LEU A 152 -16.29 -26.91 18.13
C LEU A 152 -16.67 -28.30 17.52
N ALA A 153 -15.86 -29.36 17.75
CA ALA A 153 -16.25 -30.73 17.37
C ALA A 153 -17.59 -31.13 17.97
N LYS A 154 -17.76 -30.88 19.27
CA LYS A 154 -19.04 -31.14 19.93
C LYS A 154 -20.17 -30.27 19.40
N GLN A 155 -19.88 -29.02 19.06
CA GLN A 155 -20.89 -28.11 18.49
C GLN A 155 -21.45 -28.61 17.13
N TYR A 156 -20.60 -29.23 16.32
CA TYR A 156 -20.99 -29.74 15.01
C TYR A 156 -21.31 -31.26 14.98
N GLY A 157 -21.09 -31.97 16.10
CA GLY A 157 -21.23 -33.43 16.20
C GLY A 157 -20.23 -34.23 15.41
N VAL A 158 -19.00 -33.76 15.33
CA VAL A 158 -17.98 -34.39 14.46
C VAL A 158 -17.02 -35.14 15.38
N THR A 159 -16.75 -36.37 15.05
CA THR A 159 -15.81 -37.17 15.82
C THR A 159 -14.46 -36.51 15.73
N TRP A 160 -13.78 -36.39 16.86
CA TRP A 160 -12.54 -35.64 17.02
C TRP A 160 -11.58 -36.33 17.97
N ASN A 161 -10.41 -36.71 17.47
CA ASN A 161 -9.28 -37.19 18.27
C ASN A 161 -8.10 -36.20 18.28
N GLY A 162 -8.33 -34.89 18.07
CA GLY A 162 -7.25 -33.90 18.18
C GLY A 162 -6.61 -33.43 16.86
N ARG A 163 -6.01 -32.24 16.91
CA ARG A 163 -5.39 -31.59 15.77
C ARG A 163 -4.11 -32.35 15.39
N ARG A 164 -3.96 -32.67 14.10
CA ARG A 164 -2.81 -33.45 13.55
C ARG A 164 -2.01 -32.66 12.52
N GLU A 171 -4.39 -35.71 2.02
CA GLU A 171 -4.21 -37.14 2.26
C GLU A 171 -3.25 -37.41 3.46
N LYS A 172 -3.46 -36.65 4.54
CA LYS A 172 -2.65 -36.76 5.77
C LYS A 172 -3.37 -37.53 6.90
N GLY A 173 -4.69 -37.70 6.77
CA GLY A 173 -5.46 -38.49 7.73
C GLY A 173 -6.95 -38.18 7.67
N ASP A 174 -7.50 -37.92 8.85
CA ASP A 174 -8.93 -37.67 9.06
C ASP A 174 -9.50 -36.59 8.13
N THR A 175 -10.67 -36.86 7.53
CA THR A 175 -11.37 -35.84 6.76
C THR A 175 -11.38 -34.47 7.46
N ILE A 176 -11.60 -34.45 8.77
CA ILE A 176 -11.79 -33.16 9.49
C ILE A 176 -10.44 -32.44 9.56
N ASN A 177 -9.38 -33.19 9.90
CA ASN A 177 -8.02 -32.62 9.89
C ASN A 177 -7.48 -32.17 8.54
N GLN A 178 -7.88 -32.81 7.46
CA GLN A 178 -7.47 -32.39 6.13
C GLN A 178 -8.18 -31.09 5.77
N CYS A 179 -9.46 -31.03 6.11
CA CYS A 179 -10.25 -29.84 5.87
C CYS A 179 -9.73 -28.67 6.68
N ILE A 180 -9.39 -28.88 7.96
CA ILE A 180 -8.80 -27.80 8.73
C ILE A 180 -7.55 -27.24 8.05
N SER A 181 -6.61 -28.12 7.64
CA SER A 181 -5.42 -27.68 6.94
C SER A 181 -5.69 -26.93 5.63
N ALA A 182 -6.56 -27.48 4.81
CA ALA A 182 -6.92 -26.80 3.57
C ALA A 182 -7.59 -25.45 3.85
N ALA A 183 -8.43 -25.38 4.89
CA ALA A 183 -9.16 -24.15 5.20
C ALA A 183 -8.28 -23.05 5.78
N THR A 184 -7.14 -23.46 6.31
CA THR A 184 -6.20 -22.57 6.93
C THR A 184 -5.32 -21.95 5.82
N SER A 185 -5.35 -22.54 4.60
CA SER A 185 -4.30 -22.27 3.58
C SER A 185 -4.23 -20.81 3.12
N CYS A 186 -5.38 -20.14 3.10
CA CYS A 186 -5.52 -18.79 2.62
C CYS A 186 -5.82 -17.78 3.74
N LEU A 187 -5.86 -18.25 4.98
CA LEU A 187 -6.03 -17.42 6.13
C LEU A 187 -5.08 -16.21 6.17
N TYR A 188 -3.77 -16.44 6.05
CA TYR A 188 -2.80 -15.34 6.15
C TYR A 188 -2.91 -14.33 5.01
N GLY A 189 -3.14 -14.78 3.76
CA GLY A 189 -3.22 -13.87 2.63
C GLY A 189 -4.48 -13.05 2.71
N VAL A 190 -5.59 -13.69 3.06
CA VAL A 190 -6.85 -12.92 3.12
C VAL A 190 -6.82 -11.92 4.26
N THR A 191 -6.33 -12.34 5.42
CA THR A 191 -6.15 -11.45 6.54
C THR A 191 -5.26 -10.24 6.16
N GLU A 192 -4.11 -10.48 5.52
CA GLU A 192 -3.25 -9.41 5.03
C GLU A 192 -3.96 -8.47 4.07
N ALA A 193 -4.72 -9.04 3.12
CA ALA A 193 -5.53 -8.22 2.25
C ALA A 193 -6.55 -7.38 3.02
N ALA A 194 -7.19 -7.93 4.04
CA ALA A 194 -8.22 -7.18 4.82
C ALA A 194 -7.56 -6.01 5.63
N ILE A 195 -6.36 -6.23 6.12
CA ILE A 195 -5.63 -5.21 6.90
C ILE A 195 -5.21 -4.04 5.97
N LEU A 196 -4.69 -4.39 4.79
CA LEU A 196 -4.41 -3.43 3.75
C LEU A 196 -5.68 -2.70 3.37
N ALA A 197 -6.77 -3.39 3.16
CA ALA A 197 -8.07 -2.73 2.87
C ALA A 197 -8.60 -1.84 3.94
N ALA A 198 -8.34 -2.16 5.21
CA ALA A 198 -8.81 -1.31 6.33
C ALA A 198 -7.90 -0.11 6.42
N GLY A 199 -6.70 -0.19 5.86
CA GLY A 199 -5.81 0.95 5.74
C GLY A 199 -4.67 0.86 6.77
N TYR A 200 -4.25 -0.37 7.19
CA TYR A 200 -3.33 -0.44 8.29
C TYR A 200 -2.11 -1.11 7.73
N ALA A 201 -1.06 -1.06 8.50
CA ALA A 201 0.21 -1.68 8.12
C ALA A 201 0.31 -3.13 8.60
N PRO A 202 0.53 -4.07 7.66
CA PRO A 202 0.74 -5.43 8.12
C PRO A 202 1.79 -5.64 9.18
N ALA A 203 2.82 -4.83 9.22
CA ALA A 203 4.01 -5.12 10.04
C ALA A 203 3.91 -4.62 11.50
N ILE A 204 2.88 -3.80 11.80
CA ILE A 204 2.77 -3.18 13.12
C ILE A 204 1.79 -3.95 13.96
N GLY A 205 2.33 -4.85 14.77
CA GLY A 205 1.53 -5.81 15.54
C GLY A 205 1.50 -5.47 17.03
N PHE A 206 0.80 -6.30 17.79
CA PHE A 206 0.58 -6.12 19.21
C PHE A 206 1.00 -7.34 20.04
N VAL A 207 0.64 -8.55 19.61
CA VAL A 207 1.09 -9.78 20.26
C VAL A 207 2.37 -10.25 19.56
N HIS A 208 2.30 -10.43 18.25
CA HIS A 208 3.44 -10.74 17.47
C HIS A 208 4.11 -9.38 17.14
N THR A 209 5.44 -9.33 17.18
CA THR A 209 6.19 -8.11 16.85
C THR A 209 7.50 -8.55 16.17
N GLY A 210 8.10 -7.69 15.34
CA GLY A 210 9.41 -8.00 14.67
C GLY A 210 9.39 -8.76 13.33
N LYS A 211 8.19 -8.98 12.78
CA LYS A 211 8.06 -9.69 11.52
C LYS A 211 7.29 -8.81 10.50
N PRO A 212 7.55 -9.04 9.19
CA PRO A 212 6.85 -8.20 8.24
C PRO A 212 5.31 -8.33 8.31
N LEU A 213 4.79 -9.42 8.90
CA LEU A 213 3.38 -9.73 8.92
C LEU A 213 2.81 -9.88 10.37
N SER A 214 3.43 -9.17 11.33
CA SER A 214 3.20 -9.40 12.72
C SER A 214 1.70 -9.12 13.05
N PHE A 215 1.14 -8.08 12.47
CA PHE A 215 -0.29 -7.72 12.77
C PHE A 215 -1.20 -8.73 12.04
N VAL A 216 -0.73 -9.29 10.90
CA VAL A 216 -1.48 -10.31 10.19
C VAL A 216 -1.66 -11.55 11.12
N TYR A 217 -0.55 -12.04 11.69
CA TYR A 217 -0.58 -13.09 12.70
C TYR A 217 -1.55 -12.79 13.86
N ASP A 218 -1.54 -11.58 14.41
CA ASP A 218 -2.48 -11.23 15.50
C ASP A 218 -3.95 -11.43 15.08
N ILE A 219 -4.33 -10.92 13.93
CA ILE A 219 -5.72 -10.97 13.53
C ILE A 219 -6.08 -12.39 13.07
N ALA A 220 -5.13 -13.06 12.42
CA ALA A 220 -5.39 -14.38 11.84
C ALA A 220 -5.59 -15.43 12.95
N ASP A 221 -4.96 -15.22 14.10
CA ASP A 221 -5.18 -16.09 15.27
C ASP A 221 -6.66 -16.02 15.69
N ILE A 222 -7.24 -14.84 15.63
CA ILE A 222 -8.68 -14.70 15.91
C ILE A 222 -9.58 -15.33 14.86
N ILE A 223 -9.32 -15.00 13.60
CA ILE A 223 -10.09 -15.49 12.47
C ILE A 223 -10.02 -17.02 12.36
N LYS A 224 -8.87 -17.63 12.65
CA LYS A 224 -8.75 -19.09 12.64
C LYS A 224 -9.76 -19.83 13.49
N PHE A 225 -10.07 -19.34 14.70
CA PHE A 225 -11.09 -19.99 15.51
C PHE A 225 -12.45 -19.36 15.46
N ASP A 226 -12.58 -18.17 14.94
CA ASP A 226 -13.93 -17.60 14.79
C ASP A 226 -14.51 -18.00 13.41
N THR A 227 -13.66 -18.45 12.49
CA THR A 227 -14.08 -18.61 11.09
C THR A 227 -13.59 -19.88 10.45
N VAL A 228 -12.27 -20.07 10.42
CA VAL A 228 -11.71 -21.17 9.72
C VAL A 228 -12.21 -22.49 10.29
N VAL A 229 -12.01 -22.71 11.59
CA VAL A 229 -12.19 -24.02 12.21
C VAL A 229 -13.68 -24.32 12.25
N PRO A 230 -14.51 -23.33 12.63
CA PRO A 230 -15.89 -23.70 12.50
C PRO A 230 -16.31 -24.10 11.12
N LYS A 231 -15.89 -23.38 10.08
CA LYS A 231 -16.37 -23.66 8.74
C LYS A 231 -15.85 -24.98 8.27
N ALA A 232 -14.66 -25.36 8.71
CA ALA A 232 -14.10 -26.64 8.36
C ALA A 232 -14.93 -27.76 9.00
N PHE A 233 -15.32 -27.58 10.26
CA PHE A 233 -16.21 -28.56 10.88
C PHE A 233 -17.55 -28.61 10.13
N GLU A 234 -18.06 -27.46 9.69
CA GLU A 234 -19.34 -27.37 8.97
C GLU A 234 -19.29 -28.21 7.66
N ILE A 235 -18.19 -28.06 6.94
CA ILE A 235 -17.94 -28.79 5.73
C ILE A 235 -17.80 -30.27 5.98
N ALA A 236 -16.96 -30.66 6.95
CA ALA A 236 -16.83 -32.08 7.33
C ALA A 236 -18.16 -32.73 7.74
N ARG A 237 -19.00 -31.97 8.45
CA ARG A 237 -20.26 -32.47 9.01
C ARG A 237 -21.30 -32.75 7.93
N ARG A 238 -21.53 -31.77 7.07
CA ARG A 238 -22.56 -31.89 6.03
C ARG A 238 -22.16 -32.80 4.87
N ASN A 239 -20.89 -33.19 4.85
CA ASN A 239 -20.33 -34.17 3.93
C ASN A 239 -21.07 -35.52 3.86
N PRO A 240 -21.65 -35.83 2.67
CA PRO A 240 -22.19 -37.14 2.45
C PRO A 240 -21.16 -38.01 1.73
N GLY A 241 -20.00 -38.24 2.31
CA GLY A 241 -18.97 -39.00 1.59
C GLY A 241 -18.78 -38.51 0.14
N GLU A 242 -18.54 -37.22 -0.02
CA GLU A 242 -18.10 -36.67 -1.31
C GLU A 242 -16.66 -37.08 -1.49
N PRO A 243 -16.16 -37.01 -2.75
CA PRO A 243 -14.76 -37.33 -2.97
C PRO A 243 -13.89 -36.30 -2.26
N ASP A 244 -12.76 -36.75 -1.74
CA ASP A 244 -11.99 -35.92 -0.86
C ASP A 244 -11.33 -34.78 -1.64
N ARG A 245 -11.19 -34.94 -2.96
CA ARG A 245 -10.61 -33.90 -3.79
C ARG A 245 -11.57 -32.68 -3.84
N GLU A 246 -12.87 -32.94 -3.94
CA GLU A 246 -13.89 -31.89 -3.89
C GLU A 246 -14.07 -31.25 -2.48
N VAL A 247 -14.01 -32.05 -1.43
CA VAL A 247 -14.14 -31.53 -0.07
C VAL A 247 -12.95 -30.61 0.22
N ARG A 248 -11.73 -31.05 -0.13
CA ARG A 248 -10.54 -30.28 0.07
C ARG A 248 -10.60 -28.94 -0.68
N LEU A 249 -11.08 -28.95 -1.92
CA LEU A 249 -11.22 -27.75 -2.69
C LEU A 249 -12.25 -26.82 -2.05
N ALA A 250 -13.38 -27.33 -1.51
CA ALA A 250 -14.36 -26.42 -0.84
C ALA A 250 -13.79 -25.88 0.49
N CYS A 251 -12.98 -26.66 1.18
CA CYS A 251 -12.26 -26.17 2.35
C CYS A 251 -11.31 -25.02 2.03
N ARG A 252 -10.54 -25.16 0.95
CA ARG A 252 -9.59 -24.09 0.54
C ARG A 252 -10.31 -22.82 0.25
N ASP A 253 -11.49 -22.95 -0.34
CA ASP A 253 -12.33 -21.82 -0.78
C ASP A 253 -13.22 -21.16 0.25
N ILE A 254 -12.99 -21.34 1.55
CA ILE A 254 -13.92 -20.77 2.54
C ILE A 254 -13.93 -19.25 2.52
N PHE A 255 -12.86 -18.61 2.07
CA PHE A 255 -12.87 -17.14 2.08
C PHE A 255 -13.58 -16.55 0.86
N ARG A 256 -14.10 -17.39 -0.04
CA ARG A 256 -14.91 -16.85 -1.14
C ARG A 256 -16.29 -16.36 -0.72
N SER A 257 -16.76 -16.74 0.45
CA SER A 257 -18.10 -16.28 0.84
C SER A 257 -18.12 -14.81 1.20
N SER A 258 -19.13 -14.12 0.68
CA SER A 258 -19.27 -12.70 0.89
C SER A 258 -19.53 -12.35 2.38
N LYS A 259 -20.27 -13.23 3.07
CA LYS A 259 -20.65 -13.05 4.50
C LYS A 259 -19.37 -13.09 5.31
N THR A 260 -18.54 -14.07 5.04
CA THR A 260 -17.26 -14.16 5.71
C THR A 260 -16.38 -12.95 5.49
N LEU A 261 -16.20 -12.57 4.22
CA LEU A 261 -15.30 -11.48 3.86
C LEU A 261 -15.73 -10.21 4.57
N ALA A 262 -17.03 -9.99 4.62
CA ALA A 262 -17.56 -8.77 5.19
C ALA A 262 -17.29 -8.54 6.71
N LYS A 263 -16.95 -9.61 7.44
CA LYS A 263 -16.70 -9.50 8.86
C LYS A 263 -15.29 -9.01 9.18
N LEU A 264 -14.37 -9.07 8.19
CA LEU A 264 -12.99 -8.95 8.50
C LEU A 264 -12.57 -7.52 8.87
N ILE A 265 -12.96 -6.53 8.04
CA ILE A 265 -12.63 -5.15 8.35
C ILE A 265 -13.27 -4.73 9.65
N PRO A 266 -14.56 -5.06 9.84
CA PRO A 266 -15.09 -4.63 11.14
C PRO A 266 -14.40 -5.29 12.38
N LEU A 267 -13.92 -6.53 12.23
CA LEU A 267 -13.19 -7.18 13.33
C LEU A 267 -11.91 -6.40 13.67
N ILE A 268 -11.16 -6.08 12.63
CA ILE A 268 -9.94 -5.25 12.76
C ILE A 268 -10.23 -3.91 13.43
N GLU A 269 -11.22 -3.19 12.95
CA GLU A 269 -11.61 -1.95 13.64
C GLU A 269 -11.99 -2.17 15.11
N ASP A 270 -12.74 -3.23 15.40
CA ASP A 270 -13.15 -3.61 16.80
C ASP A 270 -11.95 -3.85 17.70
N VAL A 271 -10.95 -4.61 17.22
CA VAL A 271 -9.70 -4.82 17.93
C VAL A 271 -8.94 -3.52 18.31
N LEU A 272 -8.72 -2.66 17.32
CA LEU A 272 -7.97 -1.41 17.53
C LEU A 272 -8.82 -0.46 18.38
N ALA A 273 -10.14 -0.55 18.27
CA ALA A 273 -11.01 0.42 19.05
C ALA A 273 -10.94 0.19 20.60
N ALA A 274 -10.44 -0.96 21.02
CA ALA A 274 -10.35 -1.23 22.45
C ALA A 274 -9.30 -0.34 23.11
N GLY A 275 -8.52 0.37 22.32
CA GLY A 275 -7.57 1.33 22.89
C GLY A 275 -8.29 2.51 23.53
N GLU A 276 -9.54 2.72 23.15
CA GLU A 276 -10.38 3.85 23.66
C GLU A 276 -9.97 5.24 23.09
N ILE A 277 -9.15 5.24 22.05
CA ILE A 277 -8.88 6.45 21.27
C ILE A 277 -9.90 6.54 20.16
N GLN A 278 -10.34 7.76 19.86
CA GLN A 278 -11.31 8.03 18.84
C GLN A 278 -10.77 7.55 17.52
N PRO A 279 -11.49 6.63 16.88
CA PRO A 279 -10.97 6.10 15.63
C PRO A 279 -11.09 7.13 14.50
N PRO A 280 -10.20 7.04 13.49
CA PRO A 280 -10.17 7.95 12.32
C PRO A 280 -11.56 8.17 11.71
N ILE B 9 19.76 -4.61 -9.32
CA ILE B 9 19.61 -4.86 -7.86
C ILE B 9 19.25 -3.54 -7.11
N PRO B 10 20.21 -2.90 -6.40
CA PRO B 10 19.81 -1.75 -5.55
C PRO B 10 19.40 -0.53 -6.32
N LEU B 11 18.53 0.27 -5.70
CA LEU B 11 17.99 1.43 -6.33
C LEU B 11 19.10 2.35 -6.90
N LYS B 12 20.18 2.56 -6.12
CA LYS B 12 21.32 3.37 -6.56
C LYS B 12 21.75 3.01 -7.99
N ASP B 13 21.69 1.73 -8.34
CA ASP B 13 22.27 1.28 -9.61
C ASP B 13 21.33 1.22 -10.80
N ARG B 14 20.11 1.70 -10.61
CA ARG B 14 19.06 1.52 -11.60
C ARG B 14 18.82 2.74 -12.48
N VAL B 15 18.17 2.53 -13.61
CA VAL B 15 17.68 3.61 -14.44
C VAL B 15 16.52 4.26 -13.69
N SER B 16 16.36 5.54 -13.85
CA SER B 16 15.38 6.25 -13.06
C SER B 16 13.96 5.78 -13.35
N MET B 17 13.56 5.89 -14.59
CA MET B 17 12.16 5.84 -14.92
C MET B 17 12.05 5.41 -16.38
N ILE B 18 11.02 4.64 -16.68
CA ILE B 18 10.66 4.30 -18.06
C ILE B 18 9.18 4.66 -18.24
N PHE B 19 8.81 5.14 -19.40
CA PHE B 19 7.40 5.44 -19.66
C PHE B 19 6.81 4.45 -20.67
N LEU B 20 5.64 3.89 -20.36
CA LEU B 20 4.95 2.96 -21.24
C LEU B 20 3.66 3.58 -21.69
N GLN B 21 3.47 3.60 -23.01
CA GLN B 21 2.56 4.57 -23.64
C GLN B 21 1.15 4.09 -23.93
N TYR B 22 0.99 2.93 -24.56
CA TYR B 22 -0.35 2.48 -25.01
C TYR B 22 -0.34 1.08 -25.61
N GLY B 23 -0.56 0.05 -24.80
CA GLY B 23 -0.77 -1.31 -25.28
C GLY B 23 -0.97 -2.27 -24.12
N GLN B 24 -0.39 -3.45 -24.18
CA GLN B 24 -0.62 -4.45 -23.16
C GLN B 24 0.68 -4.80 -22.56
N ILE B 25 0.74 -4.82 -21.24
CA ILE B 25 1.95 -5.21 -20.53
C ILE B 25 1.69 -6.60 -19.93
N ASP B 26 2.63 -7.50 -20.11
CA ASP B 26 2.43 -8.87 -19.74
C ASP B 26 3.78 -9.54 -19.54
N VAL B 27 3.77 -10.77 -19.03
CA VAL B 27 5.02 -11.51 -18.88
C VAL B 27 4.99 -12.67 -19.85
N ILE B 28 6.02 -12.77 -20.69
CA ILE B 28 6.16 -13.83 -21.64
C ILE B 28 7.54 -14.48 -21.50
N ASP B 29 7.56 -15.79 -21.31
CA ASP B 29 8.78 -16.52 -21.01
C ASP B 29 9.61 -15.79 -19.95
N GLY B 30 8.91 -15.34 -18.92
CA GLY B 30 9.54 -14.73 -17.74
C GLY B 30 10.03 -13.32 -17.94
N ALA B 31 9.84 -12.75 -19.12
CA ALA B 31 10.31 -11.40 -19.44
C ALA B 31 9.11 -10.42 -19.42
N PHE B 32 9.34 -9.25 -18.88
CA PHE B 32 8.32 -8.21 -18.83
C PHE B 32 8.25 -7.53 -20.19
N VAL B 33 7.08 -7.52 -20.85
CA VAL B 33 6.95 -7.11 -22.25
C VAL B 33 5.77 -6.20 -22.50
N LEU B 34 6.00 -5.16 -23.32
CA LEU B 34 4.91 -4.33 -23.83
C LEU B 34 4.57 -4.73 -25.25
N ILE B 35 3.28 -4.84 -25.53
CA ILE B 35 2.79 -5.24 -26.85
C ILE B 35 1.72 -4.26 -27.40
N ASP B 36 1.92 -3.79 -28.64
CA ASP B 36 1.01 -2.88 -29.38
C ASP B 36 -0.26 -3.59 -29.79
N ILE B 40 4.17 -4.98 -32.05
CA ILE B 40 5.59 -4.69 -31.78
C ILE B 40 6.01 -5.04 -30.31
N ARG B 41 6.28 -6.31 -30.03
CA ARG B 41 6.79 -6.72 -28.71
C ARG B 41 8.05 -5.93 -28.30
N THR B 42 8.14 -5.60 -27.01
CA THR B 42 9.22 -4.78 -26.48
C THR B 42 9.61 -5.24 -25.08
N HIS B 43 10.85 -5.68 -24.91
CA HIS B 43 11.34 -6.14 -23.62
C HIS B 43 11.65 -4.91 -22.73
N ILE B 44 11.01 -4.84 -21.58
CA ILE B 44 11.34 -3.85 -20.58
C ILE B 44 12.21 -4.51 -19.48
N PRO B 45 13.41 -3.94 -19.20
CA PRO B 45 14.26 -4.53 -18.13
C PRO B 45 13.79 -4.11 -16.73
N VAL B 46 12.73 -4.76 -16.26
CA VAL B 46 11.90 -4.24 -15.17
C VAL B 46 12.69 -4.14 -13.87
N GLY B 47 13.59 -5.11 -13.62
CA GLY B 47 14.45 -5.12 -12.43
C GLY B 47 15.50 -4.00 -12.37
N SER B 48 15.74 -3.38 -13.50
CA SER B 48 16.78 -2.39 -13.62
C SER B 48 16.26 -0.98 -13.67
N VAL B 49 14.99 -0.78 -13.36
CA VAL B 49 14.48 0.58 -13.32
C VAL B 49 13.76 0.80 -12.02
N ALA B 50 13.82 2.02 -11.54
CA ALA B 50 13.28 2.33 -10.26
C ALA B 50 11.74 2.49 -10.34
N CYS B 51 11.25 3.04 -11.44
CA CYS B 51 9.82 3.41 -11.51
C CYS B 51 9.33 3.29 -12.96
N ILE B 52 8.25 2.56 -13.18
CA ILE B 52 7.69 2.40 -14.50
C ILE B 52 6.41 3.22 -14.53
N MET B 53 6.27 4.10 -15.53
CA MET B 53 5.08 5.00 -15.58
C MET B 53 4.11 4.47 -16.62
N LEU B 54 2.83 4.33 -16.26
CA LEU B 54 1.81 3.73 -17.15
C LEU B 54 0.84 4.79 -17.61
N GLU B 55 0.98 5.20 -18.88
CA GLU B 55 0.18 6.22 -19.50
C GLU B 55 -1.18 5.68 -19.91
N PRO B 56 -2.16 6.58 -20.18
CA PRO B 56 -3.49 6.07 -20.57
C PRO B 56 -3.45 5.10 -21.77
N GLY B 57 -4.37 4.15 -21.79
CA GLY B 57 -4.44 3.15 -22.86
C GLY B 57 -3.45 2.01 -22.64
N THR B 58 -2.92 1.89 -21.42
CA THR B 58 -2.09 0.75 -21.08
C THR B 58 -2.81 -0.19 -20.13
N ARG B 59 -2.89 -1.45 -20.49
CA ARG B 59 -3.51 -2.50 -19.71
C ARG B 59 -2.44 -3.39 -19.07
N VAL B 60 -2.61 -3.77 -17.79
CA VAL B 60 -1.58 -4.62 -17.16
C VAL B 60 -2.17 -5.97 -16.75
N SER B 61 -1.42 -7.03 -16.95
CA SER B 61 -1.83 -8.34 -16.46
C SER B 61 -1.42 -8.57 -14.99
N HIS B 62 -2.07 -9.53 -14.36
CA HIS B 62 -1.71 -9.94 -13.04
C HIS B 62 -0.23 -10.32 -12.97
N ALA B 63 0.20 -11.13 -13.90
CA ALA B 63 1.63 -11.57 -13.95
C ALA B 63 2.63 -10.42 -13.97
N ALA B 64 2.30 -9.36 -14.69
CA ALA B 64 3.24 -8.22 -14.80
C ALA B 64 3.30 -7.40 -13.50
N VAL B 65 2.12 -7.10 -12.91
CA VAL B 65 2.08 -6.43 -11.61
C VAL B 65 2.84 -7.23 -10.55
N ARG B 66 2.74 -8.56 -10.62
CA ARG B 66 3.34 -9.39 -9.66
C ARG B 66 4.86 -9.38 -9.81
N LEU B 67 5.33 -9.44 -11.03
CA LEU B 67 6.78 -9.48 -11.29
C LEU B 67 7.42 -8.08 -10.94
N ALA B 68 6.73 -6.99 -11.22
CA ALA B 68 7.14 -5.62 -10.85
C ALA B 68 7.35 -5.55 -9.31
N ALA B 69 6.36 -5.99 -8.55
CA ALA B 69 6.51 -6.04 -7.08
C ALA B 69 7.68 -6.94 -6.66
N GLN B 70 7.72 -8.12 -7.20
CA GLN B 70 8.83 -9.05 -6.98
C GLN B 70 10.22 -8.44 -7.11
N VAL B 71 10.46 -7.59 -8.10
CA VAL B 71 11.83 -7.12 -8.32
C VAL B 71 12.01 -5.72 -7.72
N GLY B 72 10.98 -5.27 -7.01
CA GLY B 72 11.02 -4.01 -6.29
C GLY B 72 10.96 -2.80 -7.20
N THR B 73 10.15 -2.86 -8.24
CA THR B 73 10.05 -1.80 -9.21
C THR B 73 8.65 -1.17 -9.07
N LEU B 74 8.55 0.02 -8.54
CA LEU B 74 7.23 0.71 -8.41
C LEU B 74 6.49 0.88 -9.74
N LEU B 75 5.16 0.72 -9.76
CA LEU B 75 4.35 0.99 -10.93
C LEU B 75 3.44 2.15 -10.61
N VAL B 76 3.44 3.15 -11.49
CA VAL B 76 2.64 4.38 -11.30
C VAL B 76 1.77 4.56 -12.51
N TRP B 77 0.47 4.74 -12.29
CA TRP B 77 -0.42 5.06 -13.37
C TRP B 77 -0.53 6.57 -13.39
N VAL B 78 -0.36 7.14 -14.58
CA VAL B 78 -0.47 8.58 -14.75
C VAL B 78 -1.47 8.95 -15.84
N GLY B 79 -1.99 10.18 -15.77
CA GLY B 79 -2.80 10.75 -16.85
C GLY B 79 -2.03 11.83 -17.62
N GLU B 80 -2.76 12.83 -18.11
CA GLU B 80 -2.12 13.91 -18.88
C GLU B 80 -1.32 14.85 -17.94
N ALA B 81 -0.15 15.26 -18.41
CA ALA B 81 0.72 16.13 -17.63
C ALA B 81 1.24 15.35 -16.43
N GLY B 82 1.35 14.04 -16.60
CA GLY B 82 1.76 13.14 -15.53
C GLY B 82 0.94 13.19 -14.26
N VAL B 83 -0.31 13.70 -14.26
CA VAL B 83 -1.10 13.69 -13.03
C VAL B 83 -1.22 12.26 -12.44
N ARG B 84 -1.17 12.15 -11.12
CA ARG B 84 -1.15 10.85 -10.44
C ARG B 84 -2.49 10.17 -10.57
N VAL B 85 -2.51 8.95 -11.09
CA VAL B 85 -3.72 8.15 -11.02
C VAL B 85 -3.68 7.10 -9.91
N TYR B 86 -2.61 6.33 -9.80
CA TYR B 86 -2.55 5.25 -8.82
C TYR B 86 -1.11 4.71 -8.83
N ALA B 87 -0.79 3.85 -7.87
CA ALA B 87 0.57 3.16 -7.80
C ALA B 87 0.36 1.80 -7.16
N SER B 88 1.27 0.87 -7.41
CA SER B 88 1.16 -0.43 -6.87
C SER B 88 2.59 -0.89 -6.63
N GLY B 89 2.74 -1.60 -5.55
CA GLY B 89 4.04 -2.18 -5.19
C GLY B 89 3.92 -3.24 -4.11
N GLN B 90 5.06 -3.66 -3.60
CA GLN B 90 5.11 -4.62 -2.49
C GLN B 90 4.26 -4.06 -1.38
N PRO B 91 3.50 -4.93 -0.68
CA PRO B 91 2.61 -4.45 0.36
C PRO B 91 3.38 -4.10 1.57
N GLY B 92 3.31 -2.82 1.88
CA GLY B 92 3.79 -2.27 3.12
C GLY B 92 5.31 -2.39 3.33
N GLY B 93 5.81 -1.52 4.21
CA GLY B 93 7.12 -1.70 4.81
C GLY B 93 7.19 -3.08 5.49
N ALA B 94 8.28 -3.76 5.21
CA ALA B 94 8.53 -5.03 5.76
C ALA B 94 8.95 -4.88 7.22
N ARG B 95 9.41 -3.69 7.64
CA ARG B 95 9.97 -3.53 9.00
C ARG B 95 9.21 -2.55 9.84
N SER B 96 8.66 -3.06 10.93
CA SER B 96 7.94 -2.25 11.86
C SER B 96 8.83 -1.20 12.51
N ASP B 97 10.13 -1.48 12.71
CA ASP B 97 10.97 -0.52 13.43
C ASP B 97 11.15 0.74 12.56
N LYS B 98 11.25 0.60 11.24
CA LYS B 98 11.36 1.79 10.37
C LYS B 98 10.02 2.55 10.38
N LEU B 99 8.92 1.83 10.28
CA LEU B 99 7.61 2.52 10.24
C LEU B 99 7.31 3.24 11.54
N LEU B 100 7.62 2.61 12.65
CA LEU B 100 7.34 3.16 13.98
C LEU B 100 8.26 4.35 14.33
N TYR B 101 9.48 4.34 13.86
CA TYR B 101 10.36 5.50 13.90
C TYR B 101 9.77 6.75 13.16
N GLN B 102 9.31 6.57 11.93
CA GLN B 102 8.73 7.62 11.17
C GLN B 102 7.50 8.14 11.85
N ALA B 103 6.71 7.22 12.39
CA ALA B 103 5.41 7.60 12.98
C ALA B 103 5.69 8.33 14.31
N LYS B 104 6.65 7.86 15.07
CA LYS B 104 7.02 8.49 16.34
C LYS B 104 7.44 9.94 16.06
N LEU B 105 8.27 10.18 15.06
CA LEU B 105 8.63 11.56 14.66
C LEU B 105 7.46 12.44 14.23
N ALA B 106 6.53 11.87 13.49
CA ALA B 106 5.35 12.61 12.97
C ALA B 106 4.37 12.96 13.99
N LEU B 107 4.22 12.10 14.99
CA LEU B 107 3.16 12.28 16.02
C LEU B 107 3.54 13.26 17.12
N ASP B 108 4.84 13.49 17.30
CA ASP B 108 5.31 14.39 18.36
C ASP B 108 5.63 15.77 17.82
N GLU B 109 5.01 16.78 18.41
CA GLU B 109 5.10 18.12 17.91
C GLU B 109 6.54 18.66 17.92
N ASP B 110 7.32 18.40 18.97
CA ASP B 110 8.70 18.90 19.00
C ASP B 110 9.60 18.15 18.04
N LEU B 111 9.36 16.85 17.88
CA LEU B 111 10.15 16.05 16.94
C LEU B 111 9.79 16.47 15.53
N ARG B 112 8.51 16.75 15.26
CA ARG B 112 8.07 17.11 13.93
C ARG B 112 8.81 18.40 13.48
N LEU B 113 8.83 19.36 14.40
CA LEU B 113 9.43 20.66 14.17
C LEU B 113 10.90 20.52 13.85
N LYS B 114 11.60 19.71 14.61
CA LYS B 114 12.99 19.41 14.23
C LYS B 114 13.19 18.88 12.81
N VAL B 115 12.35 17.91 12.40
CA VAL B 115 12.44 17.39 11.02
C VAL B 115 12.19 18.47 10.01
N VAL B 116 11.13 19.24 10.23
CA VAL B 116 10.80 20.28 9.36
C VAL B 116 11.88 21.39 9.26
N ARG B 117 12.55 21.72 10.35
CA ARG B 117 13.58 22.74 10.31
C ARG B 117 14.74 22.21 9.49
N LYS B 118 14.95 20.93 9.55
CA LYS B 118 16.05 20.37 8.81
C LYS B 118 15.69 20.36 7.28
N MET B 119 14.46 20.04 6.96
CA MET B 119 13.96 20.07 5.57
C MET B 119 14.17 21.53 4.98
N PHE B 120 13.78 22.54 5.76
CA PHE B 120 13.93 23.96 5.40
C PHE B 120 15.38 24.31 5.09
N GLU B 121 16.26 23.99 6.03
CA GLU B 121 17.65 24.26 5.91
C GLU B 121 18.23 23.61 4.67
N LEU B 122 17.84 22.38 4.39
CA LEU B 122 18.38 21.72 3.20
C LEU B 122 17.77 22.34 1.92
N ARG B 123 16.52 22.75 1.98
CA ARG B 123 15.84 23.40 0.85
C ARG B 123 16.46 24.75 0.46
N PHE B 124 16.74 25.57 1.47
CA PHE B 124 17.21 26.94 1.27
C PHE B 124 18.67 27.15 1.54
N GLY B 125 19.35 26.10 1.97
CA GLY B 125 20.78 26.17 2.25
C GLY B 125 21.12 27.11 3.43
N GLU B 126 20.14 27.42 4.25
CA GLU B 126 20.33 28.29 5.40
C GLU B 126 19.27 27.93 6.46
N PRO B 127 19.64 27.99 7.76
CA PRO B 127 18.66 27.61 8.77
C PRO B 127 17.47 28.58 8.85
N ALA B 128 16.35 28.06 9.28
CA ALA B 128 15.15 28.85 9.41
C ALA B 128 15.37 29.86 10.56
N PRO B 129 14.68 31.00 10.49
CA PRO B 129 14.59 31.87 11.66
C PRO B 129 14.19 31.08 12.89
N ALA B 130 14.78 31.42 14.03
CA ALA B 130 14.62 30.64 15.24
C ALA B 130 13.23 30.81 15.84
N ARG B 131 12.83 29.80 16.61
CA ARG B 131 11.63 29.87 17.43
C ARG B 131 10.33 30.12 16.62
N ARG B 132 10.24 29.50 15.44
CA ARG B 132 9.03 29.52 14.61
C ARG B 132 8.32 28.17 14.66
N SER B 133 6.98 28.22 14.64
CA SER B 133 6.18 27.01 14.49
C SER B 133 6.18 26.45 13.06
N VAL B 134 5.66 25.23 12.93
CA VAL B 134 5.57 24.56 11.64
C VAL B 134 4.76 25.42 10.69
N GLU B 135 3.64 25.96 11.16
CA GLU B 135 2.76 26.73 10.29
C GLU B 135 3.43 27.99 9.77
N GLN B 136 4.17 28.65 10.64
CA GLN B 136 4.88 29.84 10.24
C GLN B 136 5.99 29.50 9.25
N LEU B 137 6.69 28.36 9.42
CA LEU B 137 7.74 28.00 8.47
C LEU B 137 7.14 27.67 7.09
N ARG B 138 5.91 27.16 7.08
CA ARG B 138 5.25 26.89 5.82
C ARG B 138 4.97 28.22 5.08
N GLY B 139 4.48 29.23 5.80
CA GLY B 139 4.33 30.57 5.25
C GLY B 139 5.61 31.12 4.64
N ILE B 140 6.72 31.03 5.36
CA ILE B 140 7.99 31.56 4.86
C ILE B 140 8.41 30.81 3.61
N GLU B 141 8.30 29.50 3.67
CA GLU B 141 8.60 28.63 2.54
C GLU B 141 7.72 28.98 1.33
N GLY B 142 6.42 29.15 1.57
CA GLY B 142 5.45 29.52 0.55
C GLY B 142 5.84 30.80 -0.14
N SER B 143 6.02 31.86 0.64
CA SER B 143 6.44 33.14 0.11
C SER B 143 7.71 33.06 -0.76
N ARG B 144 8.72 32.37 -0.29
CA ARG B 144 9.99 32.26 -1.03
C ARG B 144 9.84 31.48 -2.33
N VAL B 145 9.01 30.43 -2.30
CA VAL B 145 8.71 29.66 -3.49
C VAL B 145 7.95 30.48 -4.56
N ARG B 146 6.94 31.26 -4.16
CA ARG B 146 6.28 32.14 -5.10
C ARG B 146 7.25 33.16 -5.71
N ALA B 147 8.16 33.71 -4.91
CA ALA B 147 9.19 34.57 -5.47
C ALA B 147 10.02 33.80 -6.49
N THR B 148 10.43 32.56 -6.19
CA THR B 148 11.32 31.84 -7.10
C THR B 148 10.64 31.55 -8.45
N TYR B 149 9.38 31.13 -8.43
CA TYR B 149 8.66 30.91 -9.72
C TYR B 149 8.62 32.25 -10.54
N ALA B 150 8.30 33.36 -9.87
CA ALA B 150 8.17 34.68 -10.53
C ALA B 150 9.51 35.13 -11.11
N LEU B 151 10.59 34.82 -10.42
CA LEU B 151 11.96 35.11 -10.89
C LEU B 151 12.34 34.21 -12.04
N LEU B 152 12.05 32.92 -11.94
CA LEU B 152 12.20 32.02 -13.11
C LEU B 152 11.42 32.45 -14.38
N ALA B 153 10.19 32.90 -14.20
CA ALA B 153 9.36 33.34 -15.33
C ALA B 153 10.00 34.54 -16.05
N LYS B 154 10.51 35.47 -15.24
CA LYS B 154 11.19 36.67 -15.70
C LYS B 154 12.45 36.29 -16.48
N GLN B 155 13.26 35.37 -15.93
CA GLN B 155 14.55 35.01 -16.51
C GLN B 155 14.38 34.29 -17.84
N TYR B 156 13.37 33.43 -17.93
CA TYR B 156 13.09 32.59 -19.09
C TYR B 156 12.13 33.25 -20.10
N GLY B 157 11.62 34.44 -19.77
CA GLY B 157 10.71 35.15 -20.63
C GLY B 157 9.39 34.40 -20.84
N VAL B 158 8.80 33.91 -19.74
CA VAL B 158 7.53 33.19 -19.76
C VAL B 158 6.40 33.95 -19.11
N THR B 159 5.21 34.01 -19.72
CA THR B 159 4.09 34.66 -19.02
C THR B 159 3.68 33.80 -17.84
N TRP B 160 3.41 34.48 -16.71
CA TRP B 160 3.21 33.80 -15.44
C TRP B 160 2.17 34.51 -14.59
N ASN B 161 1.06 33.84 -14.32
CA ASN B 161 0.07 34.34 -13.39
C ASN B 161 -0.05 33.43 -12.18
N GLY B 162 1.04 32.72 -11.88
CA GLY B 162 1.09 31.90 -10.67
C GLY B 162 0.96 30.41 -10.89
N ARG B 163 1.31 29.67 -9.84
CA ARG B 163 1.31 28.23 -9.86
C ARG B 163 -0.12 27.78 -9.77
N ARG B 164 -0.50 26.80 -10.60
CA ARG B 164 -1.91 26.36 -10.71
C ARG B 164 -2.29 25.36 -9.61
N GLY B 173 -5.16 25.74 -18.94
CA GLY B 173 -3.88 25.34 -18.33
C GLY B 173 -2.69 25.87 -19.11
N ASP B 174 -2.11 26.98 -18.64
CA ASP B 174 -0.84 27.50 -19.13
C ASP B 174 0.07 26.33 -19.59
N THR B 175 0.74 26.48 -20.72
CA THR B 175 1.87 25.61 -21.08
C THR B 175 2.89 25.46 -19.94
N ILE B 176 3.27 26.57 -19.31
CA ILE B 176 4.25 26.51 -18.24
C ILE B 176 3.74 25.63 -17.07
N ASN B 177 2.51 25.82 -16.61
CA ASN B 177 1.97 24.97 -15.55
C ASN B 177 1.87 23.48 -15.95
N GLN B 178 1.58 23.19 -17.22
CA GLN B 178 1.66 21.80 -17.70
C GLN B 178 3.06 21.26 -17.60
N CYS B 179 4.05 22.07 -17.96
CA CYS B 179 5.43 21.63 -17.93
C CYS B 179 5.94 21.37 -16.48
N ILE B 180 5.58 22.23 -15.53
CA ILE B 180 5.94 22.11 -14.13
C ILE B 180 5.35 20.82 -13.56
N SER B 181 4.03 20.66 -13.72
CA SER B 181 3.34 19.40 -13.44
C SER B 181 3.95 18.16 -14.02
N ALA B 182 4.25 18.14 -15.30
CA ALA B 182 4.82 16.93 -15.89
C ALA B 182 6.17 16.67 -15.29
N ALA B 183 6.95 17.73 -15.07
CA ALA B 183 8.32 17.57 -14.57
C ALA B 183 8.35 17.06 -13.11
N THR B 184 7.53 17.65 -12.27
CA THR B 184 7.52 17.32 -10.86
C THR B 184 6.84 15.97 -10.65
N SER B 185 5.85 15.62 -11.48
CA SER B 185 5.31 14.28 -11.46
C SER B 185 6.40 13.25 -11.71
N CYS B 186 7.31 13.51 -12.62
CA CYS B 186 8.48 12.57 -12.75
C CYS B 186 9.29 12.41 -11.47
N LEU B 187 9.71 13.54 -10.88
CA LEU B 187 10.47 13.54 -9.63
C LEU B 187 9.74 12.79 -8.53
N TYR B 188 8.44 13.06 -8.37
CA TYR B 188 7.70 12.36 -7.39
C TYR B 188 7.72 10.82 -7.55
N GLY B 189 7.65 10.30 -8.75
CA GLY B 189 7.66 8.89 -8.92
C GLY B 189 8.98 8.31 -8.44
N VAL B 190 10.06 9.00 -8.77
CA VAL B 190 11.40 8.46 -8.38
C VAL B 190 11.59 8.63 -6.84
N THR B 191 11.03 9.71 -6.30
CA THR B 191 11.04 9.99 -4.84
C THR B 191 10.24 8.96 -4.05
N GLU B 192 9.06 8.62 -4.57
CA GLU B 192 8.24 7.58 -3.97
C GLU B 192 8.95 6.22 -4.04
N ALA B 193 9.54 5.88 -5.16
CA ALA B 193 10.35 4.66 -5.20
C ALA B 193 11.35 4.57 -4.05
N ALA B 194 12.13 5.64 -3.84
CA ALA B 194 13.21 5.67 -2.82
C ALA B 194 12.69 5.61 -1.41
N ILE B 195 11.55 6.24 -1.15
CA ILE B 195 10.96 6.20 0.16
C ILE B 195 10.48 4.83 0.49
N LEU B 196 9.91 4.14 -0.50
CA LEU B 196 9.40 2.81 -0.31
C LEU B 196 10.56 1.86 -0.14
N ALA B 197 11.59 2.03 -0.95
CA ALA B 197 12.83 1.20 -0.79
C ALA B 197 13.44 1.31 0.58
N ALA B 198 13.47 2.54 1.15
CA ALA B 198 13.93 2.81 2.50
C ALA B 198 13.07 2.22 3.62
N GLY B 199 11.85 1.76 3.30
CA GLY B 199 11.00 1.08 4.23
C GLY B 199 9.99 2.01 4.88
N TYR B 200 9.73 3.17 4.29
CA TYR B 200 8.85 4.17 4.96
C TYR B 200 7.55 4.28 4.25
N ALA B 201 6.63 4.99 4.86
CA ALA B 201 5.31 5.26 4.31
C ALA B 201 5.19 6.64 3.62
N PRO B 202 4.84 6.65 2.30
CA PRO B 202 4.63 7.82 1.51
C PRO B 202 3.63 8.75 2.13
N ALA B 203 2.71 8.20 2.91
CA ALA B 203 1.55 9.03 3.39
C ALA B 203 1.82 9.84 4.68
N ILE B 204 2.92 9.53 5.36
CA ILE B 204 3.20 10.18 6.64
C ILE B 204 4.27 11.26 6.43
N GLY B 205 3.79 12.49 6.31
CA GLY B 205 4.67 13.63 6.04
C GLY B 205 4.87 14.51 7.25
N PHE B 206 5.63 15.57 7.05
CA PHE B 206 5.99 16.48 8.14
C PHE B 206 5.61 17.91 7.82
N VAL B 207 5.94 18.39 6.62
CA VAL B 207 5.49 19.67 6.15
C VAL B 207 4.12 19.50 5.54
N HIS B 208 4.02 18.64 4.53
CA HIS B 208 2.74 18.31 3.97
C HIS B 208 2.13 17.19 4.81
N THR B 209 0.86 17.30 5.11
CA THR B 209 0.17 16.23 5.82
C THR B 209 -1.23 15.99 5.24
N GLY B 210 -1.74 14.75 5.38
CA GLY B 210 -3.14 14.42 4.92
C GLY B 210 -3.36 13.94 3.48
N LYS B 211 -2.31 13.62 2.74
CA LYS B 211 -2.46 13.14 1.37
C LYS B 211 -1.63 11.91 1.21
N PRO B 212 -2.02 11.07 0.21
CA PRO B 212 -1.34 9.81 -0.06
C PRO B 212 0.12 9.96 -0.22
N LEU B 213 0.55 11.10 -0.75
CA LEU B 213 2.00 11.27 -1.05
C LEU B 213 2.69 12.43 -0.27
N SER B 214 2.09 12.86 0.83
CA SER B 214 2.72 13.82 1.76
C SER B 214 4.21 13.76 1.94
N PHE B 215 4.72 12.59 2.30
CA PHE B 215 6.14 12.48 2.52
C PHE B 215 6.94 12.62 1.23
N VAL B 216 6.37 12.17 0.12
CA VAL B 216 6.99 12.32 -1.18
C VAL B 216 7.11 13.80 -1.53
N TYR B 217 6.07 14.60 -1.32
CA TYR B 217 6.15 16.00 -1.54
C TYR B 217 7.22 16.69 -0.68
N ASP B 218 7.36 16.27 0.59
CA ASP B 218 8.29 16.88 1.49
C ASP B 218 9.66 16.63 0.98
N ILE B 219 9.94 15.43 0.54
CA ILE B 219 11.33 15.14 0.15
C ILE B 219 11.67 15.72 -1.22
N ALA B 220 10.74 15.57 -2.16
CA ALA B 220 10.97 16.12 -3.50
C ALA B 220 11.09 17.65 -3.51
N ASP B 221 10.26 18.35 -2.73
CA ASP B 221 10.36 19.77 -2.64
C ASP B 221 11.70 20.28 -2.17
N ILE B 222 12.49 19.48 -1.47
CA ILE B 222 13.82 19.94 -1.05
C ILE B 222 14.72 20.28 -2.30
N ILE B 223 14.58 19.47 -3.34
CA ILE B 223 15.54 19.42 -4.43
C ILE B 223 15.01 19.84 -5.83
N LYS B 224 13.70 19.89 -5.94
CA LYS B 224 12.91 20.35 -7.06
C LYS B 224 13.49 21.49 -7.87
N PHE B 225 13.90 22.53 -7.18
CA PHE B 225 14.38 23.75 -7.82
C PHE B 225 15.81 23.75 -8.21
N ASP B 226 16.55 22.72 -7.91
CA ASP B 226 17.90 22.68 -8.42
C ASP B 226 17.87 22.75 -9.96
N THR B 227 17.33 21.71 -10.60
CA THR B 227 17.32 21.62 -12.07
C THR B 227 15.94 21.32 -12.73
N VAL B 228 15.07 20.61 -12.00
CA VAL B 228 13.85 20.11 -12.56
C VAL B 228 12.85 21.22 -12.86
N VAL B 229 12.60 22.09 -11.91
CA VAL B 229 11.66 23.17 -12.22
C VAL B 229 12.28 24.18 -13.27
N PRO B 230 13.56 24.58 -13.11
CA PRO B 230 14.29 25.33 -14.16
C PRO B 230 14.12 24.75 -15.56
N LYS B 231 14.33 23.44 -15.71
CA LYS B 231 14.10 22.79 -16.99
C LYS B 231 12.65 22.91 -17.55
N ALA B 232 11.64 22.88 -16.67
CA ALA B 232 10.28 23.15 -17.10
C ALA B 232 10.15 24.52 -17.75
N PHE B 233 10.79 25.54 -17.19
CA PHE B 233 10.80 26.89 -17.81
C PHE B 233 11.56 26.92 -19.11
N GLU B 234 12.72 26.28 -19.15
CA GLU B 234 13.49 26.25 -20.33
C GLU B 234 12.68 25.69 -21.49
N ILE B 235 11.87 24.68 -21.21
CA ILE B 235 11.11 24.00 -22.24
C ILE B 235 9.87 24.82 -22.64
N ALA B 236 9.18 25.38 -21.63
CA ALA B 236 7.95 26.14 -21.86
C ALA B 236 8.17 27.42 -22.71
N ARG B 237 9.31 28.04 -22.58
CA ARG B 237 9.61 29.19 -23.40
C ARG B 237 9.75 28.91 -24.91
N ARG B 238 9.97 27.67 -25.32
CA ARG B 238 9.85 27.30 -26.75
C ARG B 238 8.41 27.12 -27.25
N ASN B 239 7.44 27.34 -26.37
CA ASN B 239 6.05 27.29 -26.76
C ASN B 239 5.64 25.91 -27.34
N PRO B 240 6.10 24.78 -26.76
CA PRO B 240 5.74 23.47 -27.30
C PRO B 240 4.22 23.23 -27.21
N GLY B 241 3.64 22.64 -28.26
CA GLY B 241 2.23 22.28 -28.28
C GLY B 241 1.89 21.08 -27.40
N GLU B 242 2.76 20.08 -27.42
CA GLU B 242 2.54 18.84 -26.68
C GLU B 242 3.79 18.59 -25.86
N PRO B 243 3.93 19.29 -24.71
CA PRO B 243 5.19 19.28 -23.97
C PRO B 243 5.51 18.02 -23.19
N ASP B 244 4.53 17.18 -22.86
CA ASP B 244 4.79 16.09 -21.88
C ASP B 244 5.97 15.20 -22.30
N ARG B 245 6.01 14.83 -23.58
CA ARG B 245 7.08 13.98 -24.10
C ARG B 245 8.48 14.57 -23.92
N GLU B 246 8.66 15.86 -24.26
CA GLU B 246 9.98 16.50 -24.17
C GLU B 246 10.40 16.68 -22.71
N VAL B 247 9.45 17.08 -21.86
CA VAL B 247 9.72 17.21 -20.42
C VAL B 247 10.15 15.87 -19.80
N ARG B 248 9.49 14.80 -20.16
CA ARG B 248 9.84 13.51 -19.59
C ARG B 248 11.28 13.11 -19.96
N LEU B 249 11.67 13.41 -21.19
CA LEU B 249 12.99 13.02 -21.66
C LEU B 249 14.06 13.90 -21.05
N ALA B 250 13.71 15.16 -20.78
CA ALA B 250 14.63 16.06 -20.09
C ALA B 250 14.88 15.56 -18.64
N CYS B 251 13.79 15.21 -17.94
CA CYS B 251 13.88 14.68 -16.57
C CYS B 251 14.66 13.36 -16.51
N ARG B 252 14.41 12.44 -17.44
CA ARG B 252 15.23 11.21 -17.55
C ARG B 252 16.73 11.59 -17.64
N ASP B 253 17.04 12.56 -18.50
CA ASP B 253 18.42 13.01 -18.66
C ASP B 253 18.95 13.63 -17.40
N ILE B 254 18.13 14.41 -16.73
CA ILE B 254 18.58 15.09 -15.51
C ILE B 254 18.84 14.06 -14.39
N PHE B 255 17.93 13.10 -14.23
CA PHE B 255 18.08 12.09 -13.19
C PHE B 255 19.35 11.30 -13.42
N ARG B 256 19.73 11.14 -14.68
CA ARG B 256 20.97 10.41 -14.97
C ARG B 256 22.17 11.27 -14.59
N SER B 257 22.18 12.53 -15.04
CA SER B 257 23.38 13.37 -14.92
C SER B 257 23.64 13.83 -13.48
N SER B 258 22.56 14.26 -12.80
CA SER B 258 22.60 14.61 -11.37
C SER B 258 22.72 13.41 -10.44
N LYS B 259 22.42 12.20 -10.93
CA LYS B 259 22.42 10.98 -10.11
C LYS B 259 21.46 11.16 -8.96
N THR B 260 20.23 11.51 -9.33
CA THR B 260 19.22 11.89 -8.36
C THR B 260 18.90 10.73 -7.39
N LEU B 261 18.94 9.50 -7.88
CA LEU B 261 18.62 8.37 -7.03
C LEU B 261 19.62 8.21 -5.92
N ALA B 262 20.92 8.23 -6.24
CA ALA B 262 21.95 8.16 -5.21
C ALA B 262 21.79 9.29 -4.18
N LYS B 263 21.29 10.43 -4.61
CA LYS B 263 21.07 11.61 -3.74
C LYS B 263 19.87 11.44 -2.76
N LEU B 264 18.80 10.82 -3.23
CA LEU B 264 17.53 10.73 -2.45
C LEU B 264 17.58 9.83 -1.22
N ILE B 265 18.27 8.73 -1.34
CA ILE B 265 18.42 7.72 -0.30
C ILE B 265 18.95 8.32 1.02
N PRO B 266 20.13 8.95 0.98
CA PRO B 266 20.63 9.57 2.20
C PRO B 266 19.88 10.83 2.62
N LEU B 267 19.31 11.59 1.71
CA LEU B 267 18.45 12.73 2.10
C LEU B 267 17.28 12.32 2.98
N ILE B 268 16.58 11.24 2.64
CA ILE B 268 15.41 10.76 3.42
C ILE B 268 15.85 10.41 4.89
N GLU B 269 16.96 9.71 5.03
CA GLU B 269 17.50 9.38 6.36
C GLU B 269 18.06 10.62 7.11
N ASP B 270 18.74 11.56 6.41
CA ASP B 270 19.21 12.77 7.05
C ASP B 270 18.05 13.58 7.61
N VAL B 271 16.96 13.65 6.87
CA VAL B 271 15.82 14.45 7.30
C VAL B 271 15.21 13.90 8.56
N LEU B 272 14.95 12.58 8.61
CA LEU B 272 14.36 11.91 9.81
C LEU B 272 15.31 11.95 11.02
N ALA B 273 16.63 11.81 10.78
CA ALA B 273 17.67 11.79 11.81
C ALA B 273 17.71 13.12 12.58
N ALA B 274 17.21 14.19 11.96
CA ALA B 274 17.12 15.54 12.58
C ALA B 274 16.28 15.55 13.82
N GLY B 275 15.41 14.57 13.96
CA GLY B 275 14.59 14.45 15.17
C GLY B 275 15.39 14.08 16.42
N GLU B 276 16.62 13.63 16.26
CA GLU B 276 17.47 13.27 17.35
C GLU B 276 17.00 12.01 18.10
N ILE B 277 16.18 11.20 17.43
CA ILE B 277 15.83 9.85 17.89
C ILE B 277 16.81 8.83 17.26
N GLN B 278 17.30 7.90 18.07
CA GLN B 278 18.20 6.91 17.53
C GLN B 278 17.48 6.09 16.41
N PRO B 279 17.98 6.08 15.18
CA PRO B 279 17.30 5.28 14.13
C PRO B 279 17.44 3.80 14.37
N PRO B 280 16.57 3.02 13.74
CA PRO B 280 16.68 1.59 13.72
C PRO B 280 18.03 1.14 13.16
#